data_217D
# 
_entry.id   217D 
# 
_audit_conform.dict_name       mmcif_pdbx.dic 
_audit_conform.dict_version    5.387 
_audit_conform.dict_location   http://mmcif.pdb.org/dictionaries/ascii/mmcif_pdbx.dic 
# 
loop_
_database_2.database_id 
_database_2.database_code 
_database_2.pdbx_database_accession 
_database_2.pdbx_DOI 
PDB   217D         pdb_0000217d 10.2210/pdb217d/pdb 
RCSB  GHHB35       ?            ?                   
WWPDB D_1000177581 ?            ?                   
# 
loop_
_pdbx_audit_revision_history.ordinal 
_pdbx_audit_revision_history.data_content_type 
_pdbx_audit_revision_history.major_revision 
_pdbx_audit_revision_history.minor_revision 
_pdbx_audit_revision_history.revision_date 
1 'Structure model' 1 0 1996-01-29 
2 'Structure model' 1 1 2008-05-22 
3 'Structure model' 1 2 2011-07-13 
4 'Structure model' 1 3 2024-02-14 
# 
_pdbx_audit_revision_details.ordinal             1 
_pdbx_audit_revision_details.revision_ordinal    1 
_pdbx_audit_revision_details.data_content_type   'Structure model' 
_pdbx_audit_revision_details.provider            repository 
_pdbx_audit_revision_details.type                'Initial release' 
_pdbx_audit_revision_details.description         ? 
_pdbx_audit_revision_details.details             ? 
# 
loop_
_pdbx_audit_revision_group.ordinal 
_pdbx_audit_revision_group.revision_ordinal 
_pdbx_audit_revision_group.data_content_type 
_pdbx_audit_revision_group.group 
1 2 'Structure model' 'Version format compliance' 
2 3 'Structure model' 'Version format compliance' 
3 4 'Structure model' 'Data collection'           
4 4 'Structure model' 'Database references'       
5 4 'Structure model' 'Derived calculations'      
# 
loop_
_pdbx_audit_revision_category.ordinal 
_pdbx_audit_revision_category.revision_ordinal 
_pdbx_audit_revision_category.data_content_type 
_pdbx_audit_revision_category.category 
1 4 'Structure model' chem_comp_atom         
2 4 'Structure model' chem_comp_bond         
3 4 'Structure model' database_2             
4 4 'Structure model' pdbx_struct_conn_angle 
5 4 'Structure model' struct_conn            
6 4 'Structure model' struct_site            
# 
loop_
_pdbx_audit_revision_item.ordinal 
_pdbx_audit_revision_item.revision_ordinal 
_pdbx_audit_revision_item.data_content_type 
_pdbx_audit_revision_item.item 
1 4 'Structure model' '_database_2.pdbx_DOI'                      
2 4 'Structure model' '_database_2.pdbx_database_accession'       
3 4 'Structure model' '_pdbx_struct_conn_angle.ptnr1_auth_seq_id' 
4 4 'Structure model' '_pdbx_struct_conn_angle.ptnr3_auth_seq_id' 
5 4 'Structure model' '_pdbx_struct_conn_angle.value'             
6 4 'Structure model' '_struct_conn.ptnr2_auth_seq_id'            
7 4 'Structure model' '_struct_site.pdbx_auth_asym_id'            
8 4 'Structure model' '_struct_site.pdbx_auth_comp_id'            
9 4 'Structure model' '_struct_site.pdbx_auth_seq_id'             
# 
_pdbx_database_status.status_code                     REL 
_pdbx_database_status.entry_id                        217D 
_pdbx_database_status.recvd_initial_deposition_date   1995-07-18 
_pdbx_database_status.deposit_site                    BNL 
_pdbx_database_status.process_site                    NDB 
_pdbx_database_status.status_code_sf                  REL 
_pdbx_database_status.status_code_mr                  ? 
_pdbx_database_status.SG_entry                        ? 
_pdbx_database_status.pdb_format_compatible           Y 
_pdbx_database_status.status_code_cs                  ? 
_pdbx_database_status.status_code_nmr_data            ? 
_pdbx_database_status.methods_development_category    ? 
# 
loop_
_audit_author.name 
_audit_author.pdbx_ordinal 
'Chen, X.'          1 
'Ramakrishnan, B.'  2 
'Sundaralingam, M.' 3 
# 
_citation.id                        primary 
_citation.title                     'Crystal structures of B-form DNA-RNA chimers complexed with distamycin.' 
_citation.journal_abbrev            Nat.Struct.Biol. 
_citation.journal_volume            2 
_citation.page_first                733 
_citation.page_last                 735 
_citation.year                      1995 
_citation.journal_id_ASTM           NSBIEW 
_citation.country                   US 
_citation.journal_id_ISSN           1072-8368 
_citation.journal_id_CSD            2024 
_citation.book_publisher            ? 
_citation.pdbx_database_id_PubMed   7552741 
_citation.pdbx_database_id_DOI      10.1038/nsb0995-733 
# 
loop_
_citation_author.citation_id 
_citation_author.name 
_citation_author.ordinal 
_citation_author.identifier_ORCID 
primary 'Chen, X.'          1 ? 
primary 'Ramakrishnan, B.'  2 ? 
primary 'Sundaralingam, M.' 3 ? 
# 
loop_
_entity.id 
_entity.type 
_entity.src_method 
_entity.pdbx_description 
_entity.formula_weight 
_entity.pdbx_number_of_molecules 
_entity.pdbx_ec 
_entity.pdbx_mutation 
_entity.pdbx_fragment 
_entity.details 
1 polymer     syn 
;DNA/RNA (5'-D(*IP*)-R(*CP*)-D(*IP*)-R(*CP*)-D(*IP*CP*IP*C)-3')
;
2400.537 1  ? ? ? ? 
2 non-polymer syn 'DISTAMYCIN A'                                                   481.508  1  ? ? ? ? 
3 non-polymer syn 'MAGNESIUM ION'                                                  24.305   1  ? ? ? ? 
4 water       nat water                                                            18.015   45 ? ? ? ? 
# 
_entity_poly.entity_id                      1 
_entity_poly.type                           'polydeoxyribonucleotide/polyribonucleotide hybrid' 
_entity_poly.nstd_linkage                   no 
_entity_poly.nstd_monomer                   no 
_entity_poly.pdbx_seq_one_letter_code       '(DI)C(DI)C(DI)(DC)(DI)(DC)' 
_entity_poly.pdbx_seq_one_letter_code_can   ICICICIC 
_entity_poly.pdbx_strand_id                 A 
_entity_poly.pdbx_target_identifier         ? 
# 
loop_
_pdbx_entity_nonpoly.entity_id 
_pdbx_entity_nonpoly.name 
_pdbx_entity_nonpoly.comp_id 
2 'DISTAMYCIN A'  DMY 
3 'MAGNESIUM ION' MG  
4 water           HOH 
# 
loop_
_entity_poly_seq.entity_id 
_entity_poly_seq.num 
_entity_poly_seq.mon_id 
_entity_poly_seq.hetero 
1 1 DI n 
1 2 C  n 
1 3 DI n 
1 4 C  n 
1 5 DI n 
1 6 DC n 
1 7 DI n 
1 8 DC n 
# 
loop_
_chem_comp.id 
_chem_comp.type 
_chem_comp.mon_nstd_flag 
_chem_comp.name 
_chem_comp.pdbx_synonyms 
_chem_comp.formula 
_chem_comp.formula_weight 
C   'RNA linking' y "CYTIDINE-5'-MONOPHOSPHATE"         ?                         'C9 H14 N3 O8 P'  323.197 
DC  'DNA linking' y "2'-DEOXYCYTIDINE-5'-MONOPHOSPHATE" ?                         'C9 H14 N3 O7 P'  307.197 
DI  'DNA linking' y "2'-DEOXYINOSINE-5'-MONOPHOSPHATE"  ?                         'C10 H13 N4 O7 P' 332.207 
DMY non-polymer   . 'DISTAMYCIN A'                      'DISTAMYCIN; STALLIMYCIN' 'C22 H27 N9 O4'   481.508 
HOH non-polymer   . WATER                               ?                         'H2 O'            18.015  
MG  non-polymer   . 'MAGNESIUM ION'                     ?                         'Mg 2'            24.305  
# 
loop_
_pdbx_poly_seq_scheme.asym_id 
_pdbx_poly_seq_scheme.entity_id 
_pdbx_poly_seq_scheme.seq_id 
_pdbx_poly_seq_scheme.mon_id 
_pdbx_poly_seq_scheme.ndb_seq_num 
_pdbx_poly_seq_scheme.pdb_seq_num 
_pdbx_poly_seq_scheme.auth_seq_num 
_pdbx_poly_seq_scheme.pdb_mon_id 
_pdbx_poly_seq_scheme.auth_mon_id 
_pdbx_poly_seq_scheme.pdb_strand_id 
_pdbx_poly_seq_scheme.pdb_ins_code 
_pdbx_poly_seq_scheme.hetero 
A 1 1 DI 1 1 1 DI I A . n 
A 1 2 C  2 2 2 C  C A . n 
A 1 3 DI 3 3 3 DI I A . n 
A 1 4 C  4 4 4 C  C A . n 
A 1 5 DI 5 5 5 DI I A . n 
A 1 6 DC 6 6 6 DC C A . n 
A 1 7 DI 7 7 7 DI I A . n 
A 1 8 DC 8 8 8 DC C A . n 
# 
loop_
_pdbx_nonpoly_scheme.asym_id 
_pdbx_nonpoly_scheme.entity_id 
_pdbx_nonpoly_scheme.mon_id 
_pdbx_nonpoly_scheme.ndb_seq_num 
_pdbx_nonpoly_scheme.pdb_seq_num 
_pdbx_nonpoly_scheme.auth_seq_num 
_pdbx_nonpoly_scheme.pdb_mon_id 
_pdbx_nonpoly_scheme.auth_mon_id 
_pdbx_nonpoly_scheme.pdb_strand_id 
_pdbx_nonpoly_scheme.pdb_ins_code 
B 2 DMY 1  9  9  DMY DMY A . 
C 3 MG  1  10 10 MG  MG  A . 
D 4 HOH 1  11 11 HOH HOH A . 
D 4 HOH 2  12 12 HOH HOH A . 
D 4 HOH 3  13 13 HOH HOH A . 
D 4 HOH 4  14 14 HOH HOH A . 
D 4 HOH 5  15 15 HOH HOH A . 
D 4 HOH 6  16 16 HOH HOH A . 
D 4 HOH 7  17 17 HOH HOH A . 
D 4 HOH 8  18 18 HOH HOH A . 
D 4 HOH 9  19 19 HOH HOH A . 
D 4 HOH 10 20 20 HOH HOH A . 
D 4 HOH 11 21 21 HOH HOH A . 
D 4 HOH 12 22 22 HOH HOH A . 
D 4 HOH 13 23 23 HOH HOH A . 
D 4 HOH 14 24 24 HOH HOH A . 
D 4 HOH 15 25 25 HOH HOH A . 
D 4 HOH 16 26 26 HOH HOH A . 
D 4 HOH 17 27 27 HOH HOH A . 
D 4 HOH 18 28 28 HOH HOH A . 
D 4 HOH 19 29 29 HOH HOH A . 
D 4 HOH 20 30 30 HOH HOH A . 
D 4 HOH 21 31 31 HOH HOH A . 
D 4 HOH 22 32 32 HOH HOH A . 
D 4 HOH 23 33 33 HOH HOH A . 
D 4 HOH 24 34 34 HOH HOH A . 
D 4 HOH 25 35 35 HOH HOH A . 
D 4 HOH 26 36 36 HOH HOH A . 
D 4 HOH 27 37 37 HOH HOH A . 
D 4 HOH 28 38 38 HOH HOH A . 
D 4 HOH 29 39 39 HOH HOH A . 
D 4 HOH 30 40 40 HOH HOH A . 
D 4 HOH 31 41 41 HOH HOH A . 
D 4 HOH 32 42 42 HOH HOH A . 
D 4 HOH 33 43 43 HOH HOH A . 
D 4 HOH 34 44 44 HOH HOH A . 
D 4 HOH 35 45 45 HOH HOH A . 
D 4 HOH 36 46 46 HOH HOH A . 
D 4 HOH 37 47 47 HOH HOH A . 
D 4 HOH 38 48 48 HOH HOH A . 
D 4 HOH 39 49 49 HOH HOH A . 
D 4 HOH 40 50 50 HOH HOH A . 
D 4 HOH 41 51 51 HOH HOH A . 
D 4 HOH 42 52 52 HOH HOH A . 
D 4 HOH 43 53 53 HOH HOH A . 
D 4 HOH 44 54 54 HOH HOH A . 
D 4 HOH 45 55 55 HOH HOH A . 
# 
_software.name             X-PLOR 
_software.classification   refinement 
_software.version          . 
_software.citation_id      ? 
_software.pdbx_ordinal     1 
# 
_cell.entry_id           217D 
_cell.length_a           27.930 
_cell.length_b           27.930 
_cell.length_c           57.470 
_cell.angle_alpha        90.00 
_cell.angle_beta         90.00 
_cell.angle_gamma        90.00 
_cell.Z_PDB              8 
_cell.pdbx_unique_axis   ? 
_cell.length_a_esd       ? 
_cell.length_b_esd       ? 
_cell.length_c_esd       ? 
_cell.angle_alpha_esd    ? 
_cell.angle_beta_esd     ? 
_cell.angle_gamma_esd    ? 
# 
_symmetry.entry_id                         217D 
_symmetry.space_group_name_H-M             'P 41 2 2' 
_symmetry.pdbx_full_space_group_name_H-M   ? 
_symmetry.cell_setting                     ? 
_symmetry.Int_Tables_number                91 
_symmetry.space_group_name_Hall            ? 
# 
_exptl.entry_id          217D 
_exptl.method            'X-RAY DIFFRACTION' 
_exptl.crystals_number   ? 
# 
_exptl_crystal.id                    1 
_exptl_crystal.density_meas          ? 
_exptl_crystal.density_percent_sol   45.20 
_exptl_crystal.density_Matthews      2.24 
_exptl_crystal.description           ? 
_exptl_crystal.F_000                 ? 
_exptl_crystal.preparation           ? 
# 
_exptl_crystal_grow.crystal_id      1 
_exptl_crystal_grow.method          'VAPOR DIFFUSION, HANGING DROP' 
_exptl_crystal_grow.temp            ? 
_exptl_crystal_grow.temp_details    'ROOM TEMPERATURE' 
_exptl_crystal_grow.pH              7.00 
_exptl_crystal_grow.pdbx_details    'pH 7.00, VAPOR DIFFUSION, HANGING DROP' 
_exptl_crystal_grow.pdbx_pH_range   ? 
# 
loop_
_exptl_crystal_grow_comp.crystal_id 
_exptl_crystal_grow_comp.id 
_exptl_crystal_grow_comp.sol_id 
_exptl_crystal_grow_comp.name 
_exptl_crystal_grow_comp.volume 
_exptl_crystal_grow_comp.conc 
_exptl_crystal_grow_comp.details 
1 1 1 WATER           ? ? ? 
1 2 1 MPD             ? ? ? 
1 3 1 'NA CACODYLATE' ? ? ? 
1 4 1 MGCL2           ? ? ? 
1 5 2 WATER           ? ? ? 
1 6 2 MPD             ? ? ? 
# 
_diffrn.id                     1 
_diffrn.ambient_temp           ? 
_diffrn.ambient_temp_details   ? 
_diffrn.crystal_id             1 
# 
_diffrn_detector.diffrn_id              1 
_diffrn_detector.detector               'AREA DETECTOR' 
_diffrn_detector.type                   SIEMENS 
_diffrn_detector.pdbx_collection_date   ? 
_diffrn_detector.details                ? 
# 
_diffrn_radiation.diffrn_id                        1 
_diffrn_radiation.wavelength_id                    1 
_diffrn_radiation.pdbx_monochromatic_or_laue_m_l   M 
_diffrn_radiation.monochromator                    ? 
_diffrn_radiation.pdbx_diffrn_protocol             'SINGLE WAVELENGTH' 
_diffrn_radiation.pdbx_scattering_type             x-ray 
# 
_diffrn_radiation_wavelength.id           1 
_diffrn_radiation_wavelength.wavelength   . 
_diffrn_radiation_wavelength.wt           1.0 
# 
_diffrn_source.diffrn_id                   1 
_diffrn_source.source                      'ROTATING ANODE' 
_diffrn_source.type                        ? 
_diffrn_source.pdbx_synchrotron_site       ? 
_diffrn_source.pdbx_synchrotron_beamline   ? 
_diffrn_source.pdbx_wavelength             ? 
_diffrn_source.pdbx_wavelength_list        ? 
# 
_reflns.entry_id                     217D 
_reflns.observed_criterion_sigma_I   ? 
_reflns.observed_criterion_sigma_F   2.000 
_reflns.d_resolution_low             ? 
_reflns.d_resolution_high            1.700 
_reflns.number_obs                   2794 
_reflns.number_all                   15870 
_reflns.percent_possible_obs         ? 
_reflns.pdbx_Rmerge_I_obs            ? 
_reflns.pdbx_Rsym_value              ? 
_reflns.pdbx_netI_over_sigmaI        ? 
_reflns.B_iso_Wilson_estimate        ? 
_reflns.pdbx_redundancy              ? 
_reflns.R_free_details               ? 
_reflns.pdbx_chi_squared             ? 
_reflns.pdbx_scaling_rejects         ? 
_reflns.pdbx_diffrn_id               1 
_reflns.pdbx_ordinal                 1 
# 
_refine.entry_id                                 217D 
_refine.ls_number_reflns_obs                     2556 
_refine.ls_number_reflns_all                     ? 
_refine.pdbx_ls_sigma_I                          ? 
_refine.pdbx_ls_sigma_F                          2.000 
_refine.pdbx_data_cutoff_high_absF               ? 
_refine.pdbx_data_cutoff_low_absF                ? 
_refine.pdbx_data_cutoff_high_rms_absF           ? 
_refine.ls_d_res_low                             8.000 
_refine.ls_d_res_high                            1.700 
_refine.ls_percent_reflns_obs                    ? 
_refine.ls_R_factor_obs                          0.1590000 
_refine.ls_R_factor_all                          ? 
_refine.ls_R_factor_R_work                       0.1590000 
_refine.ls_R_factor_R_free                       ? 
_refine.ls_R_factor_R_free_error                 ? 
_refine.ls_R_factor_R_free_error_details         ? 
_refine.ls_percent_reflns_R_free                 ? 
_refine.ls_number_reflns_R_free                  ? 
_refine.ls_number_parameters                     ? 
_refine.ls_number_restraints                     ? 
_refine.occupancy_min                            ? 
_refine.occupancy_max                            ? 
_refine.B_iso_mean                               ? 
_refine.aniso_B[1][1]                            ? 
_refine.aniso_B[2][2]                            ? 
_refine.aniso_B[3][3]                            ? 
_refine.aniso_B[1][2]                            ? 
_refine.aniso_B[1][3]                            ? 
_refine.aniso_B[2][3]                            ? 
_refine.solvent_model_details                    ? 
_refine.solvent_model_param_ksol                 ? 
_refine.solvent_model_param_bsol                 ? 
_refine.pdbx_ls_cross_valid_method               ? 
_refine.details                                  ? 
_refine.pdbx_starting_model                      ? 
_refine.pdbx_method_to_determine_struct          ? 
_refine.pdbx_isotropic_thermal_model             ? 
_refine.pdbx_stereochemistry_target_values       ? 
_refine.pdbx_stereochem_target_val_spec_case     ? 
_refine.pdbx_R_Free_selection_details            ? 
_refine.pdbx_overall_ESU_R                       ? 
_refine.pdbx_overall_ESU_R_Free                  ? 
_refine.overall_SU_ML                            ? 
_refine.overall_SU_B                             ? 
_refine.ls_redundancy_reflns_obs                 ? 
_refine.correlation_coeff_Fo_to_Fc               ? 
_refine.correlation_coeff_Fo_to_Fc_free          ? 
_refine.overall_SU_R_Cruickshank_DPI             ? 
_refine.overall_SU_R_free                        ? 
_refine.pdbx_refine_id                           'X-RAY DIFFRACTION' 
_refine.pdbx_overall_phase_error                 ? 
_refine.pdbx_solvent_vdw_probe_radii             ? 
_refine.pdbx_solvent_ion_probe_radii             ? 
_refine.pdbx_solvent_shrinkage_radii             ? 
_refine.ls_wR_factor_R_free                      ? 
_refine.ls_wR_factor_R_work                      ? 
_refine.overall_FOM_free_R_set                   ? 
_refine.overall_FOM_work_R_set                   ? 
_refine.pdbx_diffrn_id                           1 
_refine.pdbx_TLS_residual_ADP_flag               ? 
_refine.pdbx_overall_SU_R_free_Cruickshank_DPI   ? 
_refine.pdbx_overall_SU_R_Blow_DPI               ? 
_refine.pdbx_overall_SU_R_free_Blow_DPI          ? 
# 
_refine_hist.pdbx_refine_id                   'X-RAY DIFFRACTION' 
_refine_hist.cycle_id                         LAST 
_refine_hist.pdbx_number_atoms_protein        0 
_refine_hist.pdbx_number_atoms_nucleic_acid   159 
_refine_hist.pdbx_number_atoms_ligand         36 
_refine_hist.number_atoms_solvent             45 
_refine_hist.number_atoms_total               240 
_refine_hist.d_res_high                       1.700 
_refine_hist.d_res_low                        8.000 
# 
loop_
_refine_ls_restr.type 
_refine_ls_restr.dev_ideal 
_refine_ls_restr.dev_ideal_target 
_refine_ls_restr.weight 
_refine_ls_restr.number 
_refine_ls_restr.pdbx_refine_id 
_refine_ls_restr.pdbx_restraint_function 
x_bond_d                0.014 ? ? ? 'X-RAY DIFFRACTION' ? 
x_bond_d_na             ?     ? ? ? 'X-RAY DIFFRACTION' ? 
x_bond_d_prot           ?     ? ? ? 'X-RAY DIFFRACTION' ? 
x_angle_d               ?     ? ? ? 'X-RAY DIFFRACTION' ? 
x_angle_d_na            ?     ? ? ? 'X-RAY DIFFRACTION' ? 
x_angle_d_prot          ?     ? ? ? 'X-RAY DIFFRACTION' ? 
x_angle_deg             3.40  ? ? ? 'X-RAY DIFFRACTION' ? 
x_angle_deg_na          ?     ? ? ? 'X-RAY DIFFRACTION' ? 
x_angle_deg_prot        ?     ? ? ? 'X-RAY DIFFRACTION' ? 
x_dihedral_angle_d      ?     ? ? ? 'X-RAY DIFFRACTION' ? 
x_dihedral_angle_d_na   ?     ? ? ? 'X-RAY DIFFRACTION' ? 
x_dihedral_angle_d_prot ?     ? ? ? 'X-RAY DIFFRACTION' ? 
x_improper_angle_d      ?     ? ? ? 'X-RAY DIFFRACTION' ? 
x_improper_angle_d_na   ?     ? ? ? 'X-RAY DIFFRACTION' ? 
x_improper_angle_d_prot ?     ? ? ? 'X-RAY DIFFRACTION' ? 
x_mcbond_it             ?     ? ? ? 'X-RAY DIFFRACTION' ? 
x_mcangle_it            ?     ? ? ? 'X-RAY DIFFRACTION' ? 
x_scbond_it             ?     ? ? ? 'X-RAY DIFFRACTION' ? 
x_scangle_it            ?     ? ? ? 'X-RAY DIFFRACTION' ? 
# 
_struct.entry_id                  217D 
_struct.title                     
;CRYSTAL STRUCTURES OF THE B-FORM DNA-RNA CHIMER (5'-D(*IP*)-R(*CP*)-D(*IP*)-R(*CP*)-D(*IP*CP*IP*C)-3') COMPLEXED WITH DISTAMYCIN
;
_struct.pdbx_model_details        ? 
_struct.pdbx_CASP_flag            ? 
_struct.pdbx_model_type_details   ? 
# 
_struct_keywords.entry_id        217D 
_struct_keywords.pdbx_keywords   'DNA-RNA HYBRID' 
_struct_keywords.text            'B-DNA/RNA, DOUBLE HELIX, COMPLEXED WITH DRUG, MODIFIED, DNA-RNA HYBRID' 
# 
loop_
_struct_asym.id 
_struct_asym.pdbx_blank_PDB_chainid_flag 
_struct_asym.pdbx_modified 
_struct_asym.entity_id 
_struct_asym.details 
A N N 1 ? 
B N N 2 ? 
C N N 3 ? 
D N N 4 ? 
# 
_struct_ref.id                         1 
_struct_ref.entity_id                  1 
_struct_ref.db_name                    PDB 
_struct_ref.db_code                    217D 
_struct_ref.pdbx_db_accession          217D 
_struct_ref.pdbx_align_begin           ? 
_struct_ref.pdbx_seq_one_letter_code   ? 
_struct_ref.pdbx_db_isoform            ? 
# 
_struct_ref_seq.align_id                      1 
_struct_ref_seq.ref_id                        1 
_struct_ref_seq.pdbx_PDB_id_code              217D 
_struct_ref_seq.pdbx_strand_id                A 
_struct_ref_seq.seq_align_beg                 1 
_struct_ref_seq.pdbx_seq_align_beg_ins_code   ? 
_struct_ref_seq.seq_align_end                 8 
_struct_ref_seq.pdbx_seq_align_end_ins_code   ? 
_struct_ref_seq.pdbx_db_accession             217D 
_struct_ref_seq.db_align_beg                  1 
_struct_ref_seq.pdbx_db_align_beg_ins_code    ? 
_struct_ref_seq.db_align_end                  8 
_struct_ref_seq.pdbx_db_align_end_ins_code    ? 
_struct_ref_seq.pdbx_auth_seq_align_beg       1 
_struct_ref_seq.pdbx_auth_seq_align_end       8 
# 
_pdbx_struct_assembly.id                   1 
_pdbx_struct_assembly.details              author_defined_assembly 
_pdbx_struct_assembly.method_details       ? 
_pdbx_struct_assembly.oligomeric_details   dimeric 
_pdbx_struct_assembly.oligomeric_count     2 
# 
_pdbx_struct_assembly_gen.assembly_id       1 
_pdbx_struct_assembly_gen.oper_expression   1,2 
_pdbx_struct_assembly_gen.asym_id_list      A,B,C,D 
# 
loop_
_pdbx_struct_oper_list.id 
_pdbx_struct_oper_list.type 
_pdbx_struct_oper_list.name 
_pdbx_struct_oper_list.symmetry_operation 
_pdbx_struct_oper_list.matrix[1][1] 
_pdbx_struct_oper_list.matrix[1][2] 
_pdbx_struct_oper_list.matrix[1][3] 
_pdbx_struct_oper_list.vector[1] 
_pdbx_struct_oper_list.matrix[2][1] 
_pdbx_struct_oper_list.matrix[2][2] 
_pdbx_struct_oper_list.matrix[2][3] 
_pdbx_struct_oper_list.vector[2] 
_pdbx_struct_oper_list.matrix[3][1] 
_pdbx_struct_oper_list.matrix[3][2] 
_pdbx_struct_oper_list.matrix[3][3] 
_pdbx_struct_oper_list.vector[3] 
1 'identity operation'         1_555 x,y,z       1.0000000000 0.0000000000 0.0000000000  0.0000000000 0.0000000000 1.0000000000  0.0000000000  0.0000000000 0.0000000000  0.0000000000  1.0000000000  0.0000000000 
2 'crystal symmetry operation' 6_555 x,-y,-z+1/2 0.9627664209 0.1406739962 -0.2308498333 0.3854277929 0.1406739962 -0.9899177136 -0.0165453047 0.3729640933 -0.2308498333 -0.0165453047 -0.9728487073 3.5043173631 
# 
_struct_biol.id                    1 
_struct_biol.pdbx_parent_biol_id   ? 
_struct_biol.details               ? 
# 
loop_
_struct_conn.id 
_struct_conn.conn_type_id 
_struct_conn.pdbx_leaving_atom_flag 
_struct_conn.pdbx_PDB_id 
_struct_conn.ptnr1_label_asym_id 
_struct_conn.ptnr1_label_comp_id 
_struct_conn.ptnr1_label_seq_id 
_struct_conn.ptnr1_label_atom_id 
_struct_conn.pdbx_ptnr1_label_alt_id 
_struct_conn.pdbx_ptnr1_PDB_ins_code 
_struct_conn.pdbx_ptnr1_standard_comp_id 
_struct_conn.ptnr1_symmetry 
_struct_conn.ptnr2_label_asym_id 
_struct_conn.ptnr2_label_comp_id 
_struct_conn.ptnr2_label_seq_id 
_struct_conn.ptnr2_label_atom_id 
_struct_conn.pdbx_ptnr2_label_alt_id 
_struct_conn.pdbx_ptnr2_PDB_ins_code 
_struct_conn.ptnr1_auth_asym_id 
_struct_conn.ptnr1_auth_comp_id 
_struct_conn.ptnr1_auth_seq_id 
_struct_conn.ptnr2_auth_asym_id 
_struct_conn.ptnr2_auth_comp_id 
_struct_conn.ptnr2_auth_seq_id 
_struct_conn.ptnr2_symmetry 
_struct_conn.pdbx_ptnr3_label_atom_id 
_struct_conn.pdbx_ptnr3_label_seq_id 
_struct_conn.pdbx_ptnr3_label_comp_id 
_struct_conn.pdbx_ptnr3_label_asym_id 
_struct_conn.pdbx_ptnr3_label_alt_id 
_struct_conn.pdbx_ptnr3_PDB_ins_code 
_struct_conn.details 
_struct_conn.pdbx_dist_value 
_struct_conn.pdbx_value_order 
_struct_conn.pdbx_role 
metalc1 metalc ? ? A DC 6 OP2 ? ? ? 1_555 C MG  . MG ? ? A DC 6  A MG  10 1_555 ? ? ? ? ? ? ? 2.054 ? ? 
metalc2 metalc ? ? C MG . MG  ? ? ? 1_555 D HOH . O  ? ? A MG 10 A HOH 14 1_555 ? ? ? ? ? ? ? 2.043 ? ? 
metalc3 metalc ? ? C MG . MG  ? ? ? 1_555 D HOH . O  ? ? A MG 10 A HOH 15 1_555 ? ? ? ? ? ? ? 2.043 ? ? 
metalc4 metalc ? ? C MG . MG  ? ? ? 1_555 D HOH . O  ? ? A MG 10 A HOH 17 1_555 ? ? ? ? ? ? ? 2.098 ? ? 
# 
_struct_conn_type.id          metalc 
_struct_conn_type.criteria    ? 
_struct_conn_type.reference   ? 
# 
loop_
_pdbx_struct_conn_angle.id 
_pdbx_struct_conn_angle.ptnr1_label_atom_id 
_pdbx_struct_conn_angle.ptnr1_label_alt_id 
_pdbx_struct_conn_angle.ptnr1_label_asym_id 
_pdbx_struct_conn_angle.ptnr1_label_comp_id 
_pdbx_struct_conn_angle.ptnr1_label_seq_id 
_pdbx_struct_conn_angle.ptnr1_auth_atom_id 
_pdbx_struct_conn_angle.ptnr1_auth_asym_id 
_pdbx_struct_conn_angle.ptnr1_auth_comp_id 
_pdbx_struct_conn_angle.ptnr1_auth_seq_id 
_pdbx_struct_conn_angle.ptnr1_PDB_ins_code 
_pdbx_struct_conn_angle.ptnr1_symmetry 
_pdbx_struct_conn_angle.ptnr2_label_atom_id 
_pdbx_struct_conn_angle.ptnr2_label_alt_id 
_pdbx_struct_conn_angle.ptnr2_label_asym_id 
_pdbx_struct_conn_angle.ptnr2_label_comp_id 
_pdbx_struct_conn_angle.ptnr2_label_seq_id 
_pdbx_struct_conn_angle.ptnr2_auth_atom_id 
_pdbx_struct_conn_angle.ptnr2_auth_asym_id 
_pdbx_struct_conn_angle.ptnr2_auth_comp_id 
_pdbx_struct_conn_angle.ptnr2_auth_seq_id 
_pdbx_struct_conn_angle.ptnr2_PDB_ins_code 
_pdbx_struct_conn_angle.ptnr2_symmetry 
_pdbx_struct_conn_angle.ptnr3_label_atom_id 
_pdbx_struct_conn_angle.ptnr3_label_alt_id 
_pdbx_struct_conn_angle.ptnr3_label_asym_id 
_pdbx_struct_conn_angle.ptnr3_label_comp_id 
_pdbx_struct_conn_angle.ptnr3_label_seq_id 
_pdbx_struct_conn_angle.ptnr3_auth_atom_id 
_pdbx_struct_conn_angle.ptnr3_auth_asym_id 
_pdbx_struct_conn_angle.ptnr3_auth_comp_id 
_pdbx_struct_conn_angle.ptnr3_auth_seq_id 
_pdbx_struct_conn_angle.ptnr3_PDB_ins_code 
_pdbx_struct_conn_angle.ptnr3_symmetry 
_pdbx_struct_conn_angle.value 
_pdbx_struct_conn_angle.value_esd 
1 OP2 ? A DC  6 ? A DC  6  ? 1_555 MG ? C MG . ? A MG 10 ? 1_555 O ? D HOH . ? A HOH 14 ? 1_555 99.0  ? 
2 OP2 ? A DC  6 ? A DC  6  ? 1_555 MG ? C MG . ? A MG 10 ? 1_555 O ? D HOH . ? A HOH 15 ? 1_555 91.3  ? 
3 O   ? D HOH . ? A HOH 14 ? 1_555 MG ? C MG . ? A MG 10 ? 1_555 O ? D HOH . ? A HOH 15 ? 1_555 169.6 ? 
4 OP2 ? A DC  6 ? A DC  6  ? 1_555 MG ? C MG . ? A MG 10 ? 1_555 O ? D HOH . ? A HOH 17 ? 1_555 89.6  ? 
5 O   ? D HOH . ? A HOH 14 ? 1_555 MG ? C MG . ? A MG 10 ? 1_555 O ? D HOH . ? A HOH 17 ? 1_555 88.9  ? 
6 O   ? D HOH . ? A HOH 15 ? 1_555 MG ? C MG . ? A MG 10 ? 1_555 O ? D HOH . ? A HOH 17 ? 1_555 90.4  ? 
# 
loop_
_struct_site.id 
_struct_site.pdbx_evidence_code 
_struct_site.pdbx_auth_asym_id 
_struct_site.pdbx_auth_comp_id 
_struct_site.pdbx_auth_seq_id 
_struct_site.pdbx_auth_ins_code 
_struct_site.pdbx_num_residues 
_struct_site.details 
AC1 Software A DMY 9  ? 16 'BINDING SITE FOR RESIDUE DMY A 9' 
AC2 Software A MG  10 ? 6  'BINDING SITE FOR RESIDUE MG A 10' 
1   ?        ? ?   ?  ? ?  ?                                  
# 
loop_
_struct_site_gen.id 
_struct_site_gen.site_id 
_struct_site_gen.pdbx_num_res 
_struct_site_gen.label_comp_id 
_struct_site_gen.label_asym_id 
_struct_site_gen.label_seq_id 
_struct_site_gen.pdbx_auth_ins_code 
_struct_site_gen.auth_comp_id 
_struct_site_gen.auth_asym_id 
_struct_site_gen.auth_seq_id 
_struct_site_gen.label_atom_id 
_struct_site_gen.label_alt_id 
_struct_site_gen.symmetry 
_struct_site_gen.details 
1  AC1 16 C   A 2 ? C   A 2  . ? 1_555 ? 
2  AC1 16 DI  A 3 ? DI  A 3  . ? 1_555 ? 
3  AC1 16 DI  A 3 ? DI  A 3  . ? 6_555 ? 
4  AC1 16 C   A 4 ? C   A 4  . ? 6_555 ? 
5  AC1 16 DI  A 5 ? DI  A 5  . ? 6_555 ? 
6  AC1 16 DC  A 6 ? DC  A 6  . ? 6_555 ? 
7  AC1 16 DC  A 6 ? DC  A 6  . ? 8_565 ? 
8  AC1 16 DI  A 7 ? DI  A 7  . ? 6_555 ? 
9  AC1 16 DC  A 8 ? DC  A 8  . ? 6_555 ? 
10 AC1 16 HOH D . ? HOH A 12 . ? 1_555 ? 
11 AC1 16 HOH D . ? HOH A 22 . ? 1_555 ? 
12 AC1 16 HOH D . ? HOH A 28 . ? 6_555 ? 
13 AC1 16 HOH D . ? HOH A 31 . ? 6_555 ? 
14 AC1 16 HOH D . ? HOH A 31 . ? 1_555 ? 
15 AC1 16 HOH D . ? HOH A 35 . ? 1_555 ? 
16 AC1 16 HOH D . ? HOH A 44 . ? 6_555 ? 
17 AC2 6  DC  A 6 ? DC  A 6  . ? 1_555 ? 
18 AC2 6  HOH D . ? HOH A 11 . ? 4_554 ? 
19 AC2 6  HOH D . ? HOH A 13 . ? 4_554 ? 
20 AC2 6  HOH D . ? HOH A 14 . ? 1_555 ? 
21 AC2 6  HOH D . ? HOH A 15 . ? 1_555 ? 
22 AC2 6  HOH D . ? HOH A 17 . ? 1_555 ? 
# 
loop_
_pdbx_validate_rmsd_angle.id 
_pdbx_validate_rmsd_angle.PDB_model_num 
_pdbx_validate_rmsd_angle.auth_atom_id_1 
_pdbx_validate_rmsd_angle.auth_asym_id_1 
_pdbx_validate_rmsd_angle.auth_comp_id_1 
_pdbx_validate_rmsd_angle.auth_seq_id_1 
_pdbx_validate_rmsd_angle.PDB_ins_code_1 
_pdbx_validate_rmsd_angle.label_alt_id_1 
_pdbx_validate_rmsd_angle.auth_atom_id_2 
_pdbx_validate_rmsd_angle.auth_asym_id_2 
_pdbx_validate_rmsd_angle.auth_comp_id_2 
_pdbx_validate_rmsd_angle.auth_seq_id_2 
_pdbx_validate_rmsd_angle.PDB_ins_code_2 
_pdbx_validate_rmsd_angle.label_alt_id_2 
_pdbx_validate_rmsd_angle.auth_atom_id_3 
_pdbx_validate_rmsd_angle.auth_asym_id_3 
_pdbx_validate_rmsd_angle.auth_comp_id_3 
_pdbx_validate_rmsd_angle.auth_seq_id_3 
_pdbx_validate_rmsd_angle.PDB_ins_code_3 
_pdbx_validate_rmsd_angle.label_alt_id_3 
_pdbx_validate_rmsd_angle.angle_value 
_pdbx_validate_rmsd_angle.angle_target_value 
_pdbx_validate_rmsd_angle.angle_deviation 
_pdbx_validate_rmsd_angle.angle_standard_deviation 
_pdbx_validate_rmsd_angle.linker_flag 
1 1 N1    A C  2 ? ? C2    A C  2 ? ? O2    A C  2 ? ? 123.13 118.90 4.23  0.60 N 
2 1 "O3'" A C  2 ? ? P     A DI 3 ? ? OP1   A DI 3 ? ? 119.27 110.50 8.77  1.10 Y 
3 1 "O4'" A C  4 ? ? "C1'" A C  4 ? ? "C2'" A C  4 ? ? 98.92  105.80 -6.88 1.00 N 
4 1 "O4'" A DC 6 ? ? "C1'" A DC 6 ? ? N1    A DC 6 ? ? 110.71 108.30 2.41  0.30 N 
5 1 N1    A DC 8 ? ? C2    A DC 8 ? ? O2    A DC 8 ? ? 122.59 118.90 3.69  0.60 N 
# 
loop_
_pdbx_validate_planes.id 
_pdbx_validate_planes.PDB_model_num 
_pdbx_validate_planes.auth_comp_id 
_pdbx_validate_planes.auth_asym_id 
_pdbx_validate_planes.auth_seq_id 
_pdbx_validate_planes.PDB_ins_code 
_pdbx_validate_planes.label_alt_id 
_pdbx_validate_planes.rmsd 
_pdbx_validate_planes.type 
1 1 DI A 3 ? ? 0.089 'SIDE CHAIN' 
2 1 DI A 5 ? ? 0.071 'SIDE CHAIN' 
3 1 DC A 6 ? ? 0.062 'SIDE CHAIN' 
# 
_struct_site_keywords.site_id   1 
_struct_site_keywords.text      'MINOR GROOVE BINDER' 
# 
loop_
_refine_B_iso.class 
_refine_B_iso.details 
_refine_B_iso.treatment 
_refine_B_iso.pdbx_refine_id 
'ALL ATOMS'  TR isotropic 'X-RAY DIFFRACTION' 
'ALL WATERS' TR isotropic 'X-RAY DIFFRACTION' 
# 
loop_
_refine_occupancy.class 
_refine_occupancy.treatment 
_refine_occupancy.pdbx_refine_id 
'ALL ATOMS'  fix 'X-RAY DIFFRACTION' 
'ALL WATERS' fix 'X-RAY DIFFRACTION' 
# 
loop_
_chem_comp_atom.comp_id 
_chem_comp_atom.atom_id 
_chem_comp_atom.type_symbol 
_chem_comp_atom.pdbx_aromatic_flag 
_chem_comp_atom.pdbx_stereo_config 
_chem_comp_atom.pdbx_ordinal 
C   OP3    O  N N 1   
C   P      P  N N 2   
C   OP1    O  N N 3   
C   OP2    O  N N 4   
C   "O5'"  O  N N 5   
C   "C5'"  C  N N 6   
C   "C4'"  C  N R 7   
C   "O4'"  O  N N 8   
C   "C3'"  C  N S 9   
C   "O3'"  O  N N 10  
C   "C2'"  C  N R 11  
C   "O2'"  O  N N 12  
C   "C1'"  C  N R 13  
C   N1     N  N N 14  
C   C2     C  N N 15  
C   O2     O  N N 16  
C   N3     N  N N 17  
C   C4     C  N N 18  
C   N4     N  N N 19  
C   C5     C  N N 20  
C   C6     C  N N 21  
C   HOP3   H  N N 22  
C   HOP2   H  N N 23  
C   "H5'"  H  N N 24  
C   "H5''" H  N N 25  
C   "H4'"  H  N N 26  
C   "H3'"  H  N N 27  
C   "HO3'" H  N N 28  
C   "H2'"  H  N N 29  
C   "HO2'" H  N N 30  
C   "H1'"  H  N N 31  
C   H41    H  N N 32  
C   H42    H  N N 33  
C   H5     H  N N 34  
C   H6     H  N N 35  
DC  OP3    O  N N 36  
DC  P      P  N N 37  
DC  OP1    O  N N 38  
DC  OP2    O  N N 39  
DC  "O5'"  O  N N 40  
DC  "C5'"  C  N N 41  
DC  "C4'"  C  N R 42  
DC  "O4'"  O  N N 43  
DC  "C3'"  C  N S 44  
DC  "O3'"  O  N N 45  
DC  "C2'"  C  N N 46  
DC  "C1'"  C  N R 47  
DC  N1     N  N N 48  
DC  C2     C  N N 49  
DC  O2     O  N N 50  
DC  N3     N  N N 51  
DC  C4     C  N N 52  
DC  N4     N  N N 53  
DC  C5     C  N N 54  
DC  C6     C  N N 55  
DC  HOP3   H  N N 56  
DC  HOP2   H  N N 57  
DC  "H5'"  H  N N 58  
DC  "H5''" H  N N 59  
DC  "H4'"  H  N N 60  
DC  "H3'"  H  N N 61  
DC  "HO3'" H  N N 62  
DC  "H2'"  H  N N 63  
DC  "H2''" H  N N 64  
DC  "H1'"  H  N N 65  
DC  H41    H  N N 66  
DC  H42    H  N N 67  
DC  H5     H  N N 68  
DC  H6     H  N N 69  
DI  OP3    O  N N 70  
DI  P      P  N N 71  
DI  OP1    O  N N 72  
DI  OP2    O  N N 73  
DI  "O5'"  O  N N 74  
DI  "C5'"  C  N N 75  
DI  "C4'"  C  N R 76  
DI  "O4'"  O  N N 77  
DI  "C3'"  C  N S 78  
DI  "O3'"  O  N N 79  
DI  "C2'"  C  N N 80  
DI  "C1'"  C  N R 81  
DI  N9     N  Y N 82  
DI  C8     C  Y N 83  
DI  N7     N  Y N 84  
DI  C5     C  Y N 85  
DI  C6     C  N N 86  
DI  O6     O  N N 87  
DI  N1     N  N N 88  
DI  C2     C  N N 89  
DI  N3     N  N N 90  
DI  C4     C  Y N 91  
DI  HOP3   H  N N 92  
DI  HOP2   H  N N 93  
DI  "H5'"  H  N N 94  
DI  "H5''" H  N N 95  
DI  "H4'"  H  N N 96  
DI  "H3'"  H  N N 97  
DI  "HO3'" H  N N 98  
DI  "H2'"  H  N N 99  
DI  "H2''" H  N N 100 
DI  "H1'"  H  N N 101 
DI  H8     H  N N 102 
DI  H1     H  N N 103 
DI  H2     H  N N 104 
DMY C1     C  N N 105 
DMY O1     O  N N 106 
DMY N1     N  N N 107 
DMY C2     C  Y N 108 
DMY C3     C  Y N 109 
DMY C4     C  Y N 110 
DMY N2     N  Y N 111 
DMY C5     C  Y N 112 
DMY C6     C  N N 113 
DMY C7     C  N N 114 
DMY O2     O  N N 115 
DMY N3     N  N N 116 
DMY C8     C  Y N 117 
DMY C9     C  Y N 118 
DMY C10    C  Y N 119 
DMY N4     N  Y N 120 
DMY C11    C  Y N 121 
DMY C12    C  N N 122 
DMY C13    C  N N 123 
DMY O3     O  N N 124 
DMY N5     N  N N 125 
DMY C14    C  Y N 126 
DMY C15    C  Y N 127 
DMY C16    C  Y N 128 
DMY N6     N  Y N 129 
DMY C17    C  Y N 130 
DMY C18    C  N N 131 
DMY C19    C  N N 132 
DMY O4     O  N N 133 
DMY N7     N  N N 134 
DMY C20    C  N N 135 
DMY C21    C  N N 136 
DMY C22    C  N N 137 
DMY N8     N  N N 138 
DMY N9     N  N N 139 
DMY H1     H  N N 140 
DMY HN1    H  N N 141 
DMY H3     H  N N 142 
DMY H5     H  N N 143 
DMY H61    H  N N 144 
DMY H62    H  N N 145 
DMY H63    H  N N 146 
DMY HN3    H  N N 147 
DMY H9     H  N N 148 
DMY H11    H  N N 149 
DMY H121   H  N N 150 
DMY H122   H  N N 151 
DMY H123   H  N N 152 
DMY HN5    H  N N 153 
DMY H15    H  N N 154 
DMY H17    H  N N 155 
DMY H181   H  N N 156 
DMY H182   H  N N 157 
DMY H183   H  N N 158 
DMY HN7    H  N N 159 
DMY H201   H  N N 160 
DMY H202   H  N N 161 
DMY H211   H  N N 162 
DMY H212   H  N N 163 
DMY HN8    H  N N 164 
DMY HN91   H  N N 165 
DMY HN92   H  N N 166 
HOH O      O  N N 167 
HOH H1     H  N N 168 
HOH H2     H  N N 169 
MG  MG     MG N N 170 
# 
loop_
_chem_comp_bond.comp_id 
_chem_comp_bond.atom_id_1 
_chem_comp_bond.atom_id_2 
_chem_comp_bond.value_order 
_chem_comp_bond.pdbx_aromatic_flag 
_chem_comp_bond.pdbx_stereo_config 
_chem_comp_bond.pdbx_ordinal 
C   OP3   P      sing N N 1   
C   OP3   HOP3   sing N N 2   
C   P     OP1    doub N N 3   
C   P     OP2    sing N N 4   
C   P     "O5'"  sing N N 5   
C   OP2   HOP2   sing N N 6   
C   "O5'" "C5'"  sing N N 7   
C   "C5'" "C4'"  sing N N 8   
C   "C5'" "H5'"  sing N N 9   
C   "C5'" "H5''" sing N N 10  
C   "C4'" "O4'"  sing N N 11  
C   "C4'" "C3'"  sing N N 12  
C   "C4'" "H4'"  sing N N 13  
C   "O4'" "C1'"  sing N N 14  
C   "C3'" "O3'"  sing N N 15  
C   "C3'" "C2'"  sing N N 16  
C   "C3'" "H3'"  sing N N 17  
C   "O3'" "HO3'" sing N N 18  
C   "C2'" "O2'"  sing N N 19  
C   "C2'" "C1'"  sing N N 20  
C   "C2'" "H2'"  sing N N 21  
C   "O2'" "HO2'" sing N N 22  
C   "C1'" N1     sing N N 23  
C   "C1'" "H1'"  sing N N 24  
C   N1    C2     sing N N 25  
C   N1    C6     sing N N 26  
C   C2    O2     doub N N 27  
C   C2    N3     sing N N 28  
C   N3    C4     doub N N 29  
C   C4    N4     sing N N 30  
C   C4    C5     sing N N 31  
C   N4    H41    sing N N 32  
C   N4    H42    sing N N 33  
C   C5    C6     doub N N 34  
C   C5    H5     sing N N 35  
C   C6    H6     sing N N 36  
DC  OP3   P      sing N N 37  
DC  OP3   HOP3   sing N N 38  
DC  P     OP1    doub N N 39  
DC  P     OP2    sing N N 40  
DC  P     "O5'"  sing N N 41  
DC  OP2   HOP2   sing N N 42  
DC  "O5'" "C5'"  sing N N 43  
DC  "C5'" "C4'"  sing N N 44  
DC  "C5'" "H5'"  sing N N 45  
DC  "C5'" "H5''" sing N N 46  
DC  "C4'" "O4'"  sing N N 47  
DC  "C4'" "C3'"  sing N N 48  
DC  "C4'" "H4'"  sing N N 49  
DC  "O4'" "C1'"  sing N N 50  
DC  "C3'" "O3'"  sing N N 51  
DC  "C3'" "C2'"  sing N N 52  
DC  "C3'" "H3'"  sing N N 53  
DC  "O3'" "HO3'" sing N N 54  
DC  "C2'" "C1'"  sing N N 55  
DC  "C2'" "H2'"  sing N N 56  
DC  "C2'" "H2''" sing N N 57  
DC  "C1'" N1     sing N N 58  
DC  "C1'" "H1'"  sing N N 59  
DC  N1    C2     sing N N 60  
DC  N1    C6     sing N N 61  
DC  C2    O2     doub N N 62  
DC  C2    N3     sing N N 63  
DC  N3    C4     doub N N 64  
DC  C4    N4     sing N N 65  
DC  C4    C5     sing N N 66  
DC  N4    H41    sing N N 67  
DC  N4    H42    sing N N 68  
DC  C5    C6     doub N N 69  
DC  C5    H5     sing N N 70  
DC  C6    H6     sing N N 71  
DI  OP3   P      sing N N 72  
DI  OP3   HOP3   sing N N 73  
DI  P     OP1    doub N N 74  
DI  P     OP2    sing N N 75  
DI  P     "O5'"  sing N N 76  
DI  OP2   HOP2   sing N N 77  
DI  "O5'" "C5'"  sing N N 78  
DI  "C5'" "C4'"  sing N N 79  
DI  "C5'" "H5'"  sing N N 80  
DI  "C5'" "H5''" sing N N 81  
DI  "C4'" "O4'"  sing N N 82  
DI  "C4'" "C3'"  sing N N 83  
DI  "C4'" "H4'"  sing N N 84  
DI  "O4'" "C1'"  sing N N 85  
DI  "C3'" "O3'"  sing N N 86  
DI  "C3'" "C2'"  sing N N 87  
DI  "C3'" "H3'"  sing N N 88  
DI  "O3'" "HO3'" sing N N 89  
DI  "C2'" "C1'"  sing N N 90  
DI  "C2'" "H2'"  sing N N 91  
DI  "C2'" "H2''" sing N N 92  
DI  "C1'" N9     sing N N 93  
DI  "C1'" "H1'"  sing N N 94  
DI  N9    C8     sing Y N 95  
DI  N9    C4     sing Y N 96  
DI  C8    N7     doub Y N 97  
DI  C8    H8     sing N N 98  
DI  N7    C5     sing Y N 99  
DI  C5    C6     sing N N 100 
DI  C5    C4     doub Y N 101 
DI  C6    O6     doub N N 102 
DI  C6    N1     sing N N 103 
DI  N1    C2     sing N N 104 
DI  N1    H1     sing N N 105 
DI  C2    N3     doub N N 106 
DI  C2    H2     sing N N 107 
DI  N3    C4     sing N N 108 
DMY C1    O1     doub N N 109 
DMY C1    N1     sing N N 110 
DMY C1    H1     sing N N 111 
DMY N1    C2     sing N N 112 
DMY N1    HN1    sing N N 113 
DMY C2    C3     sing Y N 114 
DMY C2    C5     doub Y N 115 
DMY C3    C4     doub Y N 116 
DMY C3    H3     sing N N 117 
DMY C4    N2     sing Y N 118 
DMY C4    C7     sing N N 119 
DMY N2    C5     sing Y N 120 
DMY N2    C6     sing N N 121 
DMY C5    H5     sing N N 122 
DMY C6    H61    sing N N 123 
DMY C6    H62    sing N N 124 
DMY C6    H63    sing N N 125 
DMY C7    O2     doub N N 126 
DMY C7    N3     sing N N 127 
DMY N3    C8     sing N N 128 
DMY N3    HN3    sing N N 129 
DMY C8    C9     sing Y N 130 
DMY C8    C11    doub Y N 131 
DMY C9    C10    doub Y N 132 
DMY C9    H9     sing N N 133 
DMY C10   N4     sing Y N 134 
DMY C10   C13    sing N N 135 
DMY N4    C11    sing Y N 136 
DMY N4    C12    sing N N 137 
DMY C11   H11    sing N N 138 
DMY C12   H121   sing N N 139 
DMY C12   H122   sing N N 140 
DMY C12   H123   sing N N 141 
DMY C13   O3     doub N N 142 
DMY C13   N5     sing N N 143 
DMY N5    C14    sing N N 144 
DMY N5    HN5    sing N N 145 
DMY C14   C15    sing Y N 146 
DMY C14   C17    doub Y N 147 
DMY C15   C16    doub Y N 148 
DMY C15   H15    sing N N 149 
DMY C16   N6     sing Y N 150 
DMY C16   C19    sing N N 151 
DMY N6    C17    sing Y N 152 
DMY N6    C18    sing N N 153 
DMY C17   H17    sing N N 154 
DMY C18   H181   sing N N 155 
DMY C18   H182   sing N N 156 
DMY C18   H183   sing N N 157 
DMY C19   O4     doub N N 158 
DMY C19   N7     sing N N 159 
DMY N7    C20    sing N N 160 
DMY N7    HN7    sing N N 161 
DMY C20   C21    sing N N 162 
DMY C20   H201   sing N N 163 
DMY C20   H202   sing N N 164 
DMY C21   C22    sing N N 165 
DMY C21   H211   sing N N 166 
DMY C21   H212   sing N N 167 
DMY C22   N8     doub N N 168 
DMY C22   N9     sing N N 169 
DMY N8    HN8    sing N N 170 
DMY N9    HN91   sing N N 171 
DMY N9    HN92   sing N N 172 
HOH O     H1     sing N N 173 
HOH O     H2     sing N N 174 
# 
_atom_sites.entry_id                    217D 
_atom_sites.Cartn_transform_axes        ? 
_atom_sites.fract_transf_matrix[1][1]   -0.03548203 
_atom_sites.fract_transf_matrix[1][2]   -0.00254304 
_atom_sites.fract_transf_matrix[1][3]   0.00417320 
_atom_sites.fract_transf_matrix[2][1]   0.00232673 
_atom_sites.fract_transf_matrix[2][2]   -0.03568733 
_atom_sites.fract_transf_matrix[2][3]   -0.00196426 
_atom_sites.fract_transf_matrix[3][1]   0.00207949 
_atom_sites.fract_transf_matrix[3][2]   -0.00081039 
_atom_sites.fract_transf_matrix[3][3]   0.01718670 
_atom_sites.fract_transf_vector[1]      0.323975 
_atom_sites.fract_transf_vector[2]      0.009648 
_atom_sites.fract_transf_vector[3]      0.219637 
# 
loop_
_atom_type.symbol 
C  
MG 
N  
O  
P  
# 
loop_
_atom_site.group_PDB 
_atom_site.id 
_atom_site.type_symbol 
_atom_site.label_atom_id 
_atom_site.label_alt_id 
_atom_site.label_comp_id 
_atom_site.label_asym_id 
_atom_site.label_entity_id 
_atom_site.label_seq_id 
_atom_site.pdbx_PDB_ins_code 
_atom_site.Cartn_x 
_atom_site.Cartn_y 
_atom_site.Cartn_z 
_atom_site.occupancy 
_atom_site.B_iso_or_equiv 
_atom_site.pdbx_formal_charge 
_atom_site.auth_seq_id 
_atom_site.auth_comp_id 
_atom_site.auth_asym_id 
_atom_site.auth_atom_id 
_atom_site.pdbx_PDB_model_num 
ATOM   1   O  "O5'" . DI  A 1 1 ? 11.448  -13.936 3.350  1.00 10.13 ? 1  DI  A "O5'" 1 
ATOM   2   C  "C5'" . DI  A 1 1 ? 11.367  -12.544 3.028  1.00 9.62  ? 1  DI  A "C5'" 1 
ATOM   3   C  "C4'" . DI  A 1 1 ? 10.754  -12.373 1.640  1.00 9.46  ? 1  DI  A "C4'" 1 
ATOM   4   O  "O4'" . DI  A 1 1 ? 9.392   -12.824 1.636  1.00 9.31  ? 1  DI  A "O4'" 1 
ATOM   5   C  "C3'" . DI  A 1 1 ? 10.749  -10.943 1.176  1.00 9.47  ? 1  DI  A "C3'" 1 
ATOM   6   O  "O3'" . DI  A 1 1 ? 11.052  -10.966 -0.222 1.00 9.52  ? 1  DI  A "O3'" 1 
ATOM   7   C  "C2'" . DI  A 1 1 ? 9.307   -10.503 1.487  1.00 9.21  ? 1  DI  A "C2'" 1 
ATOM   8   C  "C1'" . DI  A 1 1 ? 8.501   -11.748 1.251  1.00 9.14  ? 1  DI  A "C1'" 1 
ATOM   9   N  N9    . DI  A 1 1 ? 7.273   -11.751 2.059  1.00 8.97  ? 1  DI  A N9    1 
ATOM   10  C  C8    . DI  A 1 1 ? 7.137   -11.905 3.424  1.00 8.96  ? 1  DI  A C8    1 
ATOM   11  N  N7    . DI  A 1 1 ? 5.891   -11.936 3.830  1.00 8.81  ? 1  DI  A N7    1 
ATOM   12  C  C5    . DI  A 1 1 ? 5.153   -11.895 2.653  1.00 8.82  ? 1  DI  A C5    1 
ATOM   13  C  C6    . DI  A 1 1 ? 3.746   -11.954 2.467  1.00 8.77  ? 1  DI  A C6    1 
ATOM   14  O  O6    . DI  A 1 1 ? 2.868   -12.038 3.323  1.00 8.87  ? 1  DI  A O6    1 
ATOM   15  N  N1    . DI  A 1 1 ? 3.404   -11.877 1.115  1.00 8.76  ? 1  DI  A N1    1 
ATOM   16  C  C2    . DI  A 1 1 ? 4.304   -11.721 0.084  1.00 8.70  ? 1  DI  A C2    1 
ATOM   17  N  N3    . DI  A 1 1 ? 5.625   -11.664 0.268  1.00 8.69  ? 1  DI  A N3    1 
ATOM   18  C  C4    . DI  A 1 1 ? 5.982   -11.773 1.574  1.00 8.89  ? 1  DI  A C4    1 
ATOM   19  P  P     . C   A 1 2 ? 11.259  -9.582  -1.010 1.00 10.04 ? 2  C   A P     1 
ATOM   20  O  OP1   . C   A 1 2 ? 11.671  -10.024 -2.365 1.00 10.25 ? 2  C   A OP1   1 
ATOM   21  O  OP2   . C   A 1 2 ? 12.172  -8.736  -0.220 1.00 10.44 ? 2  C   A OP2   1 
ATOM   22  O  "O5'" . C   A 1 2 ? 9.876   -8.776  -1.154 1.00 9.98  ? 2  C   A "O5'" 1 
ATOM   23  C  "C5'" . C   A 1 2 ? 8.931   -9.085  -2.186 1.00 9.54  ? 2  C   A "C5'" 1 
ATOM   24  C  "C4'" . C   A 1 2 ? 7.678   -8.263  -2.011 1.00 9.53  ? 2  C   A "C4'" 1 
ATOM   25  O  "O4'" . C   A 1 2 ? 6.911   -8.720  -0.891 1.00 9.30  ? 2  C   A "O4'" 1 
ATOM   26  C  "C3'" . C   A 1 2 ? 8.007   -6.776  -1.712 1.00 9.60  ? 2  C   A "C3'" 1 
ATOM   27  O  "O3'" . C   A 1 2 ? 7.222   -5.956  -2.582 1.00 9.91  ? 2  C   A "O3'" 1 
ATOM   28  C  "C2'" . C   A 1 2 ? 7.571   -6.629  -0.248 1.00 9.28  ? 2  C   A "C2'" 1 
ATOM   29  O  "O2'" . C   A 1 2 ? 7.283   -5.282  0.139  1.00 9.01  ? 2  C   A "O2'" 1 
ATOM   30  C  "C1'" . C   A 1 2 ? 6.387   -7.545  -0.277 1.00 9.13  ? 2  C   A "C1'" 1 
ATOM   31  N  N1    . C   A 1 2 ? 5.799   -7.861  1.025  1.00 8.85  ? 2  C   A N1    1 
ATOM   32  C  C2    . C   A 1 2 ? 4.438   -8.151  1.030  1.00 8.64  ? 2  C   A C2    1 
ATOM   33  O  O2    . C   A 1 2 ? 3.748   -8.168  0.007  1.00 8.46  ? 2  C   A O2    1 
ATOM   34  N  N3    . C   A 1 2 ? 3.854   -8.462  2.224  1.00 8.52  ? 2  C   A N3    1 
ATOM   35  C  C4    . C   A 1 2 ? 4.580   -8.572  3.343  1.00 8.58  ? 2  C   A C4    1 
ATOM   36  N  N4    . C   A 1 2 ? 3.941   -8.897  4.469  1.00 8.46  ? 2  C   A N4    1 
ATOM   37  C  C5    . C   A 1 2 ? 5.996   -8.394  3.315  1.00 8.62  ? 2  C   A C5    1 
ATOM   38  C  C6    . C   A 1 2 ? 6.569   -8.038  2.144  1.00 8.79  ? 2  C   A C6    1 
ATOM   39  P  P     . DI  A 1 3 ? 7.745   -5.602  -4.045 1.00 10.68 ? 3  DI  A P     1 
ATOM   40  O  OP1   . DI  A 1 3 ? 8.325   -6.676  -4.888 1.00 10.86 ? 3  DI  A OP1   1 
ATOM   41  O  OP2   . DI  A 1 3 ? 8.536   -4.380  -3.738 1.00 10.95 ? 3  DI  A OP2   1 
ATOM   42  O  "O5'" . DI  A 1 3 ? 6.409   -5.107  -4.727 1.00 10.31 ? 3  DI  A "O5'" 1 
ATOM   43  C  "C5'" . DI  A 1 3 ? 5.576   -5.932  -5.523 1.00 10.08 ? 3  DI  A "C5'" 1 
ATOM   44  C  "C4'" . DI  A 1 3 ? 4.258   -5.229  -5.734 1.00 9.79  ? 3  DI  A "C4'" 1 
ATOM   45  O  "O4'" . DI  A 1 3 ? 3.481   -5.254  -4.528 1.00 9.60  ? 3  DI  A "O4'" 1 
ATOM   46  C  "C3'" . DI  A 1 3 ? 4.441   -3.773  -6.111 1.00 9.78  ? 3  DI  A "C3'" 1 
ATOM   47  O  "O3'" . DI  A 1 3 ? 3.449   -3.538  -7.103 1.00 10.06 ? 3  DI  A "O3'" 1 
ATOM   48  C  "C2'" . DI  A 1 3 ? 4.187   -3.059  -4.779 1.00 9.56  ? 3  DI  A "C2'" 1 
ATOM   49  C  "C1'" . DI  A 1 3 ? 3.235   -3.953  -4.025 1.00 9.40  ? 3  DI  A "C1'" 1 
ATOM   50  N  N9    . DI  A 1 3 ? 3.508   -3.991  -2.585 1.00 9.15  ? 3  DI  A N9    1 
ATOM   51  C  C8    . DI  A 1 3 ? 4.720   -4.151  -1.979 1.00 9.16  ? 3  DI  A C8    1 
ATOM   52  N  N7    . DI  A 1 3 ? 4.681   -4.415  -0.707 1.00 9.02  ? 3  DI  A N7    1 
ATOM   53  C  C5    . DI  A 1 3 ? 3.325   -4.531  -0.446 1.00 9.05  ? 3  DI  A C5    1 
ATOM   54  C  C6    . DI  A 1 3 ? 2.660   -4.849  0.775  1.00 9.01  ? 3  DI  A C6    1 
ATOM   55  O  O6    . DI  A 1 3 ? 3.158   -5.122  1.872  1.00 8.92  ? 3  DI  A O6    1 
ATOM   56  N  N1    . DI  A 1 3 ? 1.274   -4.817  0.609  1.00 8.85  ? 3  DI  A N1    1 
ATOM   57  C  C2    . DI  A 1 3 ? 0.604   -4.484  -0.551 1.00 8.94  ? 3  DI  A C2    1 
ATOM   58  N  N3    . DI  A 1 3 ? 1.240   -4.118  -1.676 1.00 9.01  ? 3  DI  A N3    1 
ATOM   59  C  C4    . DI  A 1 3 ? 2.596   -4.206  -1.576 1.00 9.07  ? 3  DI  A C4    1 
ATOM   60  P  P     . C   A 1 4 ? 3.136   -2.083  -7.699 1.00 10.52 ? 4  C   A P     1 
ATOM   61  O  OP1   . C   A 1 4 ? 2.349   -2.529  -8.880 1.00 10.85 ? 4  C   A OP1   1 
ATOM   62  O  OP2   . C   A 1 4 ? 4.427   -1.367  -7.827 1.00 10.48 ? 4  C   A OP2   1 
ATOM   63  O  "O5'" . C   A 1 4 ? 2.160   -1.300  -6.703 1.00 9.92  ? 4  C   A "O5'" 1 
ATOM   64  C  "C5'" . C   A 1 4 ? 0.784   -1.630  -6.555 1.00 9.33  ? 4  C   A "C5'" 1 
ATOM   65  C  "C4'" . C   A 1 4 ? 0.215   -0.815  -5.424 1.00 8.98  ? 4  C   A "C4'" 1 
ATOM   66  O  "O4'" . C   A 1 4 ? 0.813   -1.225  -4.178 1.00 8.66  ? 4  C   A "O4'" 1 
ATOM   67  C  "C3'" . C   A 1 4 ? 0.552   0.663   -5.593 1.00 8.81  ? 4  C   A "C3'" 1 
ATOM   68  O  "O3'" . C   A 1 4 ? -0.622  1.389   -5.297 1.00 9.04  ? 4  C   A "O3'" 1 
ATOM   69  C  "C2'" . C   A 1 4 ? 1.600   0.841   -4.514 1.00 8.73  ? 4  C   A "C2'" 1 
ATOM   70  O  "O2'" . C   A 1 4 ? 1.794   2.201   -4.134 1.00 8.61  ? 4  C   A "O2'" 1 
ATOM   71  C  "C1'" . C   A 1 4 ? 1.019   -0.048  -3.419 1.00 8.58  ? 4  C   A "C1'" 1 
ATOM   72  N  N1    . C   A 1 4 ? 1.889   -0.347  -2.267 1.00 8.43  ? 4  C   A N1    1 
ATOM   73  C  C2    . C   A 1 4 ? 1.286   -0.731  -1.075 1.00 8.37  ? 4  C   A C2    1 
ATOM   74  O  O2    . C   A 1 4 ? 0.068   -0.800  -0.957 1.00 8.50  ? 4  C   A O2    1 
ATOM   75  N  N3    . C   A 1 4 ? 2.056   -1.023  -0.007 1.00 8.34  ? 4  C   A N3    1 
ATOM   76  C  C4    . C   A 1 4 ? 3.394   -0.967  -0.087 1.00 8.37  ? 4  C   A C4    1 
ATOM   77  N  N4    . C   A 1 4 ? 4.122   -1.348  0.957  1.00 8.25  ? 4  C   A N4    1 
ATOM   78  C  C5    . C   A 1 4 ? 4.046   -0.567  -1.306 1.00 8.42  ? 4  C   A C5    1 
ATOM   79  C  C6    . C   A 1 4 ? 3.253   -0.309  -2.366 1.00 8.45  ? 4  C   A C6    1 
ATOM   80  P  P     . DI  A 1 5 ? -1.361  2.187   -6.494 1.00 9.00  ? 5  DI  A P     1 
ATOM   81  O  OP1   . DI  A 1 5 ? -1.521  1.263   -7.640 1.00 9.30  ? 5  DI  A OP1   1 
ATOM   82  O  OP2   . DI  A 1 5 ? -0.760  3.516   -6.681 1.00 9.11  ? 5  DI  A OP2   1 
ATOM   83  O  "O5'" . DI  A 1 5 ? -2.748  2.399   -5.765 1.00 8.87  ? 5  DI  A "O5'" 1 
ATOM   84  C  "C5'" . DI  A 1 5 ? -3.729  1.369   -5.595 1.00 8.48  ? 5  DI  A "C5'" 1 
ATOM   85  C  "C4'" . DI  A 1 5 ? -4.544  1.629   -4.350 1.00 8.23  ? 5  DI  A "C4'" 1 
ATOM   86  O  "O4'" . DI  A 1 5 ? -3.664  1.507   -3.231 1.00 8.14  ? 5  DI  A "O4'" 1 
ATOM   87  C  "C3'" . DI  A 1 5 ? -5.159  3.007   -4.279 1.00 8.06  ? 5  DI  A "C3'" 1 
ATOM   88  O  "O3'" . DI  A 1 5 ? -6.504  2.900   -3.802 1.00 8.26  ? 5  DI  A "O3'" 1 
ATOM   89  C  "C2'" . DI  A 1 5 ? -4.275  3.764   -3.320 1.00 8.02  ? 5  DI  A "C2'" 1 
ATOM   90  C  "C1'" . DI  A 1 5 ? -3.676  2.678   -2.402 1.00 7.84  ? 5  DI  A "C1'" 1 
ATOM   91  N  N9    . DI  A 1 5 ? -2.269  2.958   -2.111 1.00 7.71  ? 5  DI  A N9    1 
ATOM   92  C  C8    . DI  A 1 5 ? -1.317  3.407   -2.987 1.00 7.67  ? 5  DI  A C8    1 
ATOM   93  N  N7    . DI  A 1 5 ? -0.109  3.367   -2.525 1.00 7.75  ? 5  DI  A N7    1 
ATOM   94  C  C5    . DI  A 1 5 ? -0.256  2.855   -1.241 1.00 7.51  ? 5  DI  A C5    1 
ATOM   95  C  C6    . DI  A 1 5 ? 0.736   2.595   -0.259 1.00 7.59  ? 5  DI  A C6    1 
ATOM   96  O  O6    . DI  A 1 5 ? 1.959   2.674   -0.392 1.00 7.51  ? 5  DI  A O6    1 
ATOM   97  N  N1    . DI  A 1 5 ? 0.182   2.170   0.947  1.00 7.35  ? 5  DI  A N1    1 
ATOM   98  C  C2    . DI  A 1 5 ? -1.152  1.937   1.148  1.00 7.48  ? 5  DI  A C2    1 
ATOM   99  N  N3    . DI  A 1 5 ? -2.092  2.168   0.201  1.00 7.45  ? 5  DI  A N3    1 
ATOM   100 C  C4    . DI  A 1 5 ? -1.572  2.612   -0.973 1.00 7.62  ? 5  DI  A C4    1 
ATOM   101 P  P     . DC  A 1 6 ? -7.500  4.148   -3.718 1.00 8.15  ? 6  DC  A P     1 
ATOM   102 O  OP1   . DC  A 1 6 ? -8.899  3.682   -3.775 1.00 8.45  ? 6  DC  A OP1   1 
ATOM   103 O  OP2   . DC  A 1 6 ? -7.073  5.288   -4.549 1.00 8.55  ? 6  DC  A OP2   1 
ATOM   104 O  "O5'" . DC  A 1 6 ? -7.215  4.586   -2.200 1.00 8.41  ? 6  DC  A "O5'" 1 
ATOM   105 C  "C5'" . DC  A 1 6 ? -7.466  3.675   -1.124 1.00 8.57  ? 6  DC  A "C5'" 1 
ATOM   106 C  "C4'" . DC  A 1 6 ? -6.800  4.192   0.124  1.00 8.70  ? 6  DC  A "C4'" 1 
ATOM   107 O  "O4'" . DC  A 1 6 ? -5.390  4.259   -0.038 1.00 8.59  ? 6  DC  A "O4'" 1 
ATOM   108 C  "C3'" . DC  A 1 6 ? -7.282  5.576   0.470  1.00 8.88  ? 6  DC  A "C3'" 1 
ATOM   109 O  "O3'" . DC  A 1 6 ? -8.173  5.401   1.564  1.00 9.28  ? 6  DC  A "O3'" 1 
ATOM   110 C  "C2'" . DC  A 1 6 ? -5.987  6.306   0.809  1.00 8.68  ? 6  DC  A "C2'" 1 
ATOM   111 C  "C1'" . DC  A 1 6 ? -4.894  5.265   0.851  1.00 8.55  ? 6  DC  A "C1'" 1 
ATOM   112 N  N1    . DC  A 1 6 ? -3.559  5.754   0.402  1.00 8.46  ? 6  DC  A N1    1 
ATOM   113 C  C2    . DC  A 1 6 ? -2.451  5.492   1.212  1.00 8.43  ? 6  DC  A C2    1 
ATOM   114 O  O2    . DC  A 1 6 ? -2.596  5.054   2.344  1.00 8.33  ? 6  DC  A O2    1 
ATOM   115 N  N3    . DC  A 1 6 ? -1.186  5.720   0.725  1.00 8.26  ? 6  DC  A N3    1 
ATOM   116 C  C4    . DC  A 1 6 ? -1.007  6.219   -0.514 1.00 8.22  ? 6  DC  A C4    1 
ATOM   117 N  N4    . DC  A 1 6 ? 0.239   6.463   -0.948 1.00 8.07  ? 6  DC  A N4    1 
ATOM   118 C  C5    . DC  A 1 6 ? -2.133  6.525   -1.349 1.00 8.29  ? 6  DC  A C5    1 
ATOM   119 C  C6    . DC  A 1 6 ? -3.375  6.271   -0.856 1.00 8.47  ? 6  DC  A C6    1 
ATOM   120 P  P     . DI  A 1 7 ? -8.867  6.662   2.260  1.00 10.46 ? 7  DI  A P     1 
ATOM   121 O  OP1   . DI  A 1 7 ? -9.953  5.984   2.995  1.00 11.24 ? 7  DI  A OP1   1 
ATOM   122 O  OP2   . DI  A 1 7 ? -9.206  7.779   1.352  1.00 11.01 ? 7  DI  A OP2   1 
ATOM   123 O  "O5'" . DI  A 1 7 ? -7.863  7.317   3.328  1.00 10.36 ? 7  DI  A "O5'" 1 
ATOM   124 C  "C5'" . DI  A 1 7 ? -7.406  6.538   4.429  1.00 9.86  ? 7  DI  A "C5'" 1 
ATOM   125 C  "C4'" . DI  A 1 7 ? -6.186  7.159   4.998  1.00 9.62  ? 7  DI  A "C4'" 1 
ATOM   126 O  "O4'" . DI  A 1 7 ? -5.194  7.258   3.981  1.00 9.37  ? 7  DI  A "O4'" 1 
ATOM   127 C  "C3'" . DI  A 1 7 ? -6.468  8.561   5.486  1.00 9.66  ? 7  DI  A "C3'" 1 
ATOM   128 O  "O3'" . DI  A 1 7 ? -6.064  8.573   6.847  1.00 10.22 ? 7  DI  A "O3'" 1 
ATOM   129 C  "C2'" . DI  A 1 7 ? -5.609  9.410   4.585  1.00 9.33  ? 7  DI  A "C2'" 1 
ATOM   130 C  "C1'" . DI  A 1 7 ? -4.501  8.490   4.133  1.00 8.93  ? 7  DI  A "C1'" 1 
ATOM   131 N  N9    . DI  A 1 7 ? -3.921  8.886   2.841  1.00 8.52  ? 7  DI  A N9    1 
ATOM   132 C  C8    . DI  A 1 7 ? -4.577  9.307   1.724  1.00 8.20  ? 7  DI  A C8    1 
ATOM   133 N  N7    . DI  A 1 7 ? -3.791  9.530   0.712  1.00 8.10  ? 7  DI  A N7    1 
ATOM   134 C  C5    . DI  A 1 7 ? -2.519  9.225   1.189  1.00 8.02  ? 7  DI  A C5    1 
ATOM   135 C  C6    . DI  A 1 7 ? -1.247  9.365   0.553  1.00 7.94  ? 7  DI  A C6    1 
ATOM   136 O  O6    . DI  A 1 7 ? -0.984  9.627   -0.615 1.00 7.67  ? 7  DI  A O6    1 
ATOM   137 N  N1    . DI  A 1 7 ? -0.221  9.102   1.433  1.00 7.77  ? 7  DI  A N1    1 
ATOM   138 C  C2    . DI  A 1 7 ? -0.379  8.771   2.751  1.00 7.88  ? 7  DI  A C2    1 
ATOM   139 N  N3    . DI  A 1 7 ? -1.551  8.617   3.346  1.00 7.96  ? 7  DI  A N3    1 
ATOM   140 C  C4    . DI  A 1 7 ? -2.587  8.825   2.493  1.00 8.21  ? 7  DI  A C4    1 
ATOM   141 P  P     . DC  A 1 8 ? -6.228  9.881   7.750  1.00 10.71 ? 8  DC  A P     1 
ATOM   142 O  OP1   . DC  A 1 8 ? -6.512  9.187   9.018  1.00 11.15 ? 8  DC  A OP1   1 
ATOM   143 O  OP2   . DC  A 1 8 ? -7.158  10.913  7.232  1.00 11.06 ? 8  DC  A OP2   1 
ATOM   144 O  "O5'" . DC  A 1 8 ? -4.789  10.569  7.825  1.00 10.45 ? 8  DC  A "O5'" 1 
ATOM   145 C  "C5'" . DC  A 1 8 ? -3.681  9.871   8.411  1.00 9.79  ? 8  DC  A "C5'" 1 
ATOM   146 C  "C4'" . DC  A 1 8 ? -2.413  10.635  8.197  1.00 9.44  ? 8  DC  A "C4'" 1 
ATOM   147 O  "O4'" . DC  A 1 8 ? -2.166  10.672  6.789  1.00 9.20  ? 8  DC  A "O4'" 1 
ATOM   148 C  "C3'" . DC  A 1 8 ? -2.590  12.099  8.648  1.00 9.31  ? 8  DC  A "C3'" 1 
ATOM   149 O  "O3'" . DC  A 1 8 ? -1.610  12.432  9.617  1.00 9.44  ? 8  DC  A "O3'" 1 
ATOM   150 C  "C2'" . DC  A 1 8 ? -2.381  12.890  7.380  1.00 9.08  ? 8  DC  A "C2'" 1 
ATOM   151 C  "C1'" . DC  A 1 8 ? -1.598  11.941  6.485  1.00 8.88  ? 8  DC  A "C1'" 1 
ATOM   152 N  N1    . DC  A 1 8 ? -1.780  12.165  5.046  1.00 8.50  ? 8  DC  A N1    1 
ATOM   153 C  C2    . DC  A 1 8 ? -0.635  12.281  4.264  1.00 8.40  ? 8  DC  A C2    1 
ATOM   154 O  O2    . DC  A 1 8 ? 0.493   12.268  4.740  1.00 8.43  ? 8  DC  A O2    1 
ATOM   155 N  N3    . DC  A 1 8 ? -0.764  12.393  2.923  1.00 8.09  ? 8  DC  A N3    1 
ATOM   156 C  C4    . DC  A 1 8 ? -1.970  12.407  2.365  1.00 8.06  ? 8  DC  A C4    1 
ATOM   157 N  N4    . DC  A 1 8 ? -2.021  12.573  1.041  1.00 7.94  ? 8  DC  A N4    1 
ATOM   158 C  C5    . DC  A 1 8 ? -3.183  12.243  3.142  1.00 7.99  ? 8  DC  A C5    1 
ATOM   159 C  C6    . DC  A 1 8 ? -3.033  12.164  4.481  1.00 8.27  ? 8  DC  A C6    1 
HETATM 160 C  C1    . DMY B 2 . ? -0.767  3.031   7.172  1.00 10.39 ? 9  DMY A C1    1 
HETATM 161 O  O1    . DMY B 2 . ? -1.268  3.280   8.275  1.00 10.67 ? 9  DMY A O1    1 
HETATM 162 N  N1    . DMY B 2 . ? -1.246  2.242   6.195  1.00 10.03 ? 9  DMY A N1    1 
HETATM 163 C  C2    . DMY B 2 . ? -2.402  1.555   6.225  1.00 9.90  ? 9  DMY A C2    1 
HETATM 164 C  C3    . DMY B 2 . ? -2.886  0.754   5.193  1.00 9.71  ? 9  DMY A C3    1 
HETATM 165 C  C4    . DMY B 2 . ? -4.110  0.233   5.551  1.00 9.74  ? 9  DMY A C4    1 
HETATM 166 N  N2    . DMY B 2 . ? -4.412  0.697   6.795  1.00 9.72  ? 9  DMY A N2    1 
HETATM 167 C  C5    . DMY B 2 . ? -3.413  1.486   7.231  1.00 9.72  ? 9  DMY A C5    1 
HETATM 168 C  C6    . DMY B 2 . ? -5.669  0.477   7.636  1.00 9.65  ? 9  DMY A C6    1 
HETATM 169 C  C7    . DMY B 2 . ? -4.997  -0.578  4.745  1.00 9.63  ? 9  DMY A C7    1 
HETATM 170 O  O2    . DMY B 2 . ? -6.195  -0.662  4.984  1.00 9.68  ? 9  DMY A O2    1 
HETATM 171 N  N3    . DMY B 2 . ? -4.369  -1.259  3.746  1.00 9.59  ? 9  DMY A N3    1 
HETATM 172 C  C8    . DMY B 2 . ? -5.030  -1.963  2.791  1.00 9.22  ? 9  DMY A C8    1 
HETATM 173 C  C9    . DMY B 2 . ? -4.442  -2.691  1.765  1.00 9.08  ? 9  DMY A C9    1 
HETATM 174 C  C10   . DMY B 2 . ? -5.414  -3.273  0.993  1.00 9.07  ? 9  DMY A C10   1 
HETATM 175 N  N4    . DMY B 2 . ? -6.614  -2.899  1.487  1.00 9.10  ? 9  DMY A N4    1 
HETATM 176 C  C11   . DMY B 2 . ? -6.423  -2.112  2.555  1.00 9.11  ? 9  DMY A C11   1 
HETATM 177 C  C12   . DMY B 2 . ? -8.018  -3.286  1.009  1.00 9.12  ? 9  DMY A C12   1 
HETATM 178 C  C13   . DMY B 2 . ? -5.238  -4.036  -0.222 1.00 9.09  ? 9  DMY A C13   1 
HETATM 179 O  O3    . DMY B 2 . ? -6.127  -4.146  -1.061 1.00 8.85  ? 9  DMY A O3    1 
HETATM 180 N  N5    . DMY B 2 . ? -4.020  -4.648  -0.318 1.00 9.21  ? 9  DMY A N5    1 
HETATM 181 C  C14   . DMY B 2 . ? -3.578  -5.312  -1.422 1.00 9.29  ? 9  DMY A C14   1 
HETATM 182 C  C15   . DMY B 2 . ? -2.359  -5.961  -1.548 1.00 9.41  ? 9  DMY A C15   1 
HETATM 183 C  C16   . DMY B 2 . ? -2.250  -6.500  -2.820 1.00 9.62  ? 9  DMY A C16   1 
HETATM 184 N  N6    . DMY B 2 . ? -3.369  -6.169  -3.508 1.00 9.54  ? 9  DMY A N6    1 
HETATM 185 C  C17   . DMY B 2 . ? -4.187  -5.477  -2.701 1.00 9.38  ? 9  DMY A C17   1 
HETATM 186 C  C18   . DMY B 2 . ? -3.703  -6.435  -5.013 1.00 9.51  ? 9  DMY A C18   1 
HETATM 187 C  C19   . DMY B 2 . ? -1.134  -7.188  -3.413 1.00 9.66  ? 9  DMY A C19   1 
HETATM 188 O  O4    . DMY B 2 . ? -0.873  -7.194  -4.623 1.00 9.91  ? 9  DMY A O4    1 
HETATM 189 N  N7    . DMY B 2 . ? -0.381  -7.880  -2.540 1.00 9.64  ? 9  DMY A N7    1 
HETATM 190 C  C20   . DMY B 2 . ? 0.804   -8.625  -2.953 1.00 9.46  ? 9  DMY A C20   1 
HETATM 191 C  C21   . DMY B 2 . ? 2.041   -7.776  -3.101 1.00 9.40  ? 9  DMY A C21   1 
HETATM 192 C  C22   . DMY B 2 . ? 3.225   -8.566  -3.634 1.00 9.31  ? 9  DMY A C22   1 
HETATM 193 N  N8    . DMY B 2 . ? 3.384   -8.814  -4.934 1.00 9.23  ? 9  DMY A N8    1 
HETATM 194 N  N9    . DMY B 2 . ? 4.112   -9.020  -2.751 1.00 9.20  ? 9  DMY A N9    1 
HETATM 195 MG MG    . MG  C 3 . ? -6.196  6.927   -5.422 1.00 11.90 ? 10 MG  A MG    1 
HETATM 196 O  O     . HOH D 4 . ? 2.330   -13.025 5.824  1.00 7.81  ? 11 HOH A O     1 
HETATM 197 O  O     . HOH D 4 . ? 5.783   -11.382 -2.690 1.00 8.17  ? 12 HOH A O     1 
HETATM 198 O  O     . HOH D 4 . ? 5.181   -12.338 6.380  1.00 8.87  ? 13 HOH A O     1 
HETATM 199 O  O     . HOH D 4 . ? -5.012  7.523   -3.867 1.00 9.41  ? 14 HOH A O     1 
HETATM 200 O  O     . HOH D 4 . ? -7.257  6.637   -7.143 1.00 9.56  ? 15 HOH A O     1 
HETATM 201 O  O     . HOH D 4 . ? 0.736   8.686   -6.417 1.00 10.61 ? 16 HOH A O     1 
HETATM 202 O  O     . HOH D 4 . ? -7.734  8.135   -4.661 1.00 10.75 ? 17 HOH A O     1 
HETATM 203 O  O     . HOH D 4 . ? 5.231   -9.646  6.996  1.00 11.71 ? 18 HOH A O     1 
HETATM 204 O  O     . HOH D 4 . ? 8.954   -14.557 4.749  1.00 12.02 ? 19 HOH A O     1 
HETATM 205 O  O     . HOH D 4 . ? -2.166  -1.341  -8.367 1.00 14.35 ? 20 HOH A O     1 
HETATM 206 O  O     . HOH D 4 . ? 0.158   1.206   -9.972 1.00 16.26 ? 21 HOH A O     1 
HETATM 207 O  O     . HOH D 4 . ? 1.006   -8.855  -6.582 1.00 17.79 ? 22 HOH A O     1 
HETATM 208 O  O     . HOH D 4 . ? -4.478  15.178  5.679  1.00 18.22 ? 23 HOH A O     1 
HETATM 209 O  O     . HOH D 4 . ? -2.252  11.051  -2.570 1.00 19.30 ? 24 HOH A O     1 
HETATM 210 O  O     . HOH D 4 . ? -5.686  8.958   -1.653 1.00 19.31 ? 25 HOH A O     1 
HETATM 211 O  O     . HOH D 4 . ? -0.766  11.074  -5.326 1.00 20.75 ? 26 HOH A O     1 
HETATM 212 O  O     . HOH D 4 . ? -5.075  11.899  -3.008 1.00 21.25 ? 27 HOH A O     1 
HETATM 213 O  O     . HOH D 4 . ? -3.740  -2.727  -6.636 1.00 21.74 ? 28 HOH A O     1 
HETATM 214 O  O     . HOH D 4 . ? 3.831   3.754   -2.249 1.00 23.58 ? 29 HOH A O     1 
HETATM 215 O  O     . HOH D 4 . ? -6.168  12.663  5.210  1.00 25.35 ? 30 HOH A O     1 
HETATM 216 O  O     . HOH D 4 . ? 0.548   5.140   9.468  1.00 25.70 ? 31 HOH A O     1 
HETATM 217 O  O     . HOH D 4 . ? 7.400   -9.161  -5.659 1.00 29.03 ? 32 HOH A O     1 
HETATM 218 O  O     . HOH D 4 . ? -7.489  15.289  3.862  1.00 29.38 ? 33 HOH A O     1 
HETATM 219 O  O     . HOH D 4 . ? -7.675  9.770   0.304  1.00 31.71 ? 34 HOH A O     1 
HETATM 220 O  O     . HOH D 4 . ? -8.816  -1.242  5.586  1.00 31.87 ? 35 HOH A O     1 
HETATM 221 O  O     . HOH D 4 . ? 1.907   4.461   -6.636 1.00 32.75 ? 36 HOH A O     1 
HETATM 222 O  O     . HOH D 4 . ? 5.829   -4.798  2.725  1.00 33.20 ? 37 HOH A O     1 
HETATM 223 O  O     . HOH D 4 . ? -9.209  12.266  8.656  1.00 35.21 ? 38 HOH A O     1 
HETATM 224 O  O     . HOH D 4 . ? 10.921  -9.572  -6.143 1.00 37.20 ? 39 HOH A O     1 
HETATM 225 O  O     . HOH D 4 . ? 3.025   7.046   -7.211 1.00 38.14 ? 40 HOH A O     1 
HETATM 226 O  O     . HOH D 4 . ? -11.207 4.271   -1.164 1.00 39.37 ? 41 HOH A O     1 
HETATM 227 O  O     . HOH D 4 . ? 0.518   -4.634  -8.606 1.00 39.38 ? 42 HOH A O     1 
HETATM 228 O  O     . HOH D 4 . ? 12.481  -7.224  2.010  1.00 39.71 ? 43 HOH A O     1 
HETATM 229 O  O     . HOH D 4 . ? -7.437  4.063   8.063  1.00 41.36 ? 44 HOH A O     1 
HETATM 230 O  O     . HOH D 4 . ? 14.120  -11.473 -2.259 1.00 43.03 ? 45 HOH A O     1 
HETATM 231 O  O     . HOH D 4 . ? -1.486  9.959   11.673 1.00 44.34 ? 46 HOH A O     1 
HETATM 232 O  O     . HOH D 4 . ? -10.743 2.772   1.665  1.00 46.37 ? 47 HOH A O     1 
HETATM 233 O  O     . HOH D 4 . ? -10.345 1.039   -2.623 1.00 46.92 ? 48 HOH A O     1 
HETATM 234 O  O     . HOH D 4 . ? -10.845 7.036   -0.787 1.00 47.90 ? 49 HOH A O     1 
HETATM 235 O  O     . HOH D 4 . ? 14.263  -14.648 -2.131 1.00 48.25 ? 50 HOH A O     1 
HETATM 236 O  O     . HOH D 4 . ? -6.583  6.332   9.380  1.00 48.89 ? 51 HOH A O     1 
HETATM 237 O  O     . HOH D 4 . ? 2.229   2.916   -8.919 1.00 53.31 ? 52 HOH A O     1 
HETATM 238 O  O     . HOH D 4 . ? 11.586  -7.522  -4.282 1.00 53.55 ? 53 HOH A O     1 
HETATM 239 O  O     . HOH D 4 . ? 10.755  -3.869  -2.156 1.00 54.84 ? 54 HOH A O     1 
HETATM 240 O  O     . HOH D 4 . ? 6.997   -1.276  -3.130 1.00 55.25 ? 55 HOH A O     1 
# 
